data_5CGC
#
_entry.id   5CGC
#
_cell.length_a   143.021
_cell.length_b   43.818
_cell.length_c   81.617
_cell.angle_alpha   90.00
_cell.angle_beta   99.20
_cell.angle_gamma   90.00
#
_symmetry.space_group_name_H-M   'C 1 2 1'
#
loop_
_entity.id
_entity.type
_entity.pdbx_description
1 polymer 'Metabotropic glutamate receptor 5,Endolysin,Metabotropic glutamate receptor 5'
2 non-polymer 'OLEIC ACID'
3 non-polymer '2-(N-MORPHOLINO)-ETHANESULFONIC ACID'
4 non-polymer 3-chloro-4-fluoro-5-[6-(1H-pyrazol-1-yl)pyrimidin-4-yl]benzonitrile
5 water water
#
_entity_poly.entity_id   1
_entity_poly.type   'polypeptide(L)'
_entity_poly.pdbx_seq_one_letter_code
;AASPVQYLRWGDPAPIAAVVFACLGLLATLFVTVVFIIYRDTPVVKSSSRELCYIILAGICLGYLCTFCLIAKPKQIYCY
LQRIGIGLSPAMSYSALVTKTYRAARILAMSKKNIFEMLRIDEGLRLKIYKDTEGYYTIGIGHLLTKSPSLNAAKSELDK
AIGRNTNGVITKDEAEKLFNQDVDAAVRGILRNAKLKPVYDSLDAVRRAALINMVFQMGETGVAGFTNSLRMLQQKRWDE
AAVNLAKSRWYNQTPNRAKRVITTFRTGTWDAYKICTKKPRFMSACAQLVIAFILICIQLGIIVALFIMEPPDIMHDYPS
IREVYLICNTTNLGVVAPLGYNGLLILACTFYAFKTRNVPANFNEAKYIAFTMYTTCIIWLAFVPIYFGSNYKIITMCFS
VSLSATVALGCMFVPKVYIILAKPERNVRSAAAAHHHHHHHHHH
;
_entity_poly.pdbx_strand_id   A
#
loop_
_chem_comp.id
_chem_comp.type
_chem_comp.name
_chem_comp.formula
51D non-polymer 3-chloro-4-fluoro-5-[6-(1H-pyrazol-1-yl)pyrimidin-4-yl]benzonitrile 'C14 H7 Cl F N5'
MES non-polymer '2-(N-MORPHOLINO)-ETHANESULFONIC ACID' 'C6 H13 N O4 S'
OLA non-polymer 'OLEIC ACID' 'C18 H34 O2'
#
# COMPACT_ATOMS: atom_id res chain seq x y z
N SER A 3 38.18 -17.59 -10.03
CA SER A 3 37.61 -17.10 -11.28
C SER A 3 36.35 -17.88 -11.66
N PRO A 4 35.20 -17.18 -11.76
CA PRO A 4 33.93 -17.80 -12.11
C PRO A 4 33.96 -18.47 -13.48
N VAL A 5 34.75 -17.90 -14.39
CA VAL A 5 34.89 -18.47 -15.73
C VAL A 5 35.46 -19.89 -15.63
N GLN A 6 36.45 -20.05 -14.76
CA GLN A 6 37.11 -21.34 -14.58
C GLN A 6 36.12 -22.44 -14.19
N TYR A 7 35.24 -22.13 -13.24
CA TYR A 7 34.21 -23.07 -12.81
C TYR A 7 33.25 -23.40 -13.95
N LEU A 8 32.97 -22.40 -14.79
CA LEU A 8 32.15 -22.60 -15.96
C LEU A 8 32.84 -23.56 -16.93
N ARG A 9 34.16 -23.40 -17.06
CA ARG A 9 34.96 -24.28 -17.90
C ARG A 9 35.05 -25.66 -17.28
N TRP A 10 35.06 -25.72 -15.94
CA TRP A 10 35.07 -26.98 -15.25
C TRP A 10 33.76 -27.73 -15.46
N GLY A 11 32.67 -26.98 -15.59
CA GLY A 11 31.36 -27.58 -15.83
C GLY A 11 30.29 -27.09 -14.88
N ASP A 12 30.62 -26.09 -14.08
CA ASP A 12 29.67 -25.50 -13.13
C ASP A 12 29.34 -24.06 -13.51
N PRO A 13 28.13 -23.84 -14.06
CA PRO A 13 27.71 -22.52 -14.54
C PRO A 13 26.99 -21.68 -13.48
N ALA A 14 27.03 -22.13 -12.23
CA ALA A 14 26.35 -21.42 -11.15
C ALA A 14 26.98 -20.06 -10.82
N PRO A 15 28.31 -20.03 -10.51
CA PRO A 15 28.82 -18.74 -10.07
C PRO A 15 28.90 -17.69 -11.18
N ILE A 16 29.09 -18.13 -12.42
CA ILE A 16 29.18 -17.20 -13.54
C ILE A 16 27.80 -16.61 -13.85
N ALA A 17 26.75 -17.36 -13.55
CA ALA A 17 25.39 -16.90 -13.79
C ALA A 17 24.95 -15.88 -12.74
N ALA A 18 25.33 -16.13 -11.50
CA ALA A 18 24.98 -15.24 -10.40
C ALA A 18 25.64 -13.88 -10.58
N VAL A 19 26.86 -13.89 -11.13
CA VAL A 19 27.59 -12.66 -11.38
C VAL A 19 26.91 -11.82 -12.45
N VAL A 20 26.60 -12.46 -13.59
CA VAL A 20 25.92 -11.78 -14.69
C VAL A 20 24.58 -11.23 -14.22
N PHE A 21 23.83 -12.05 -13.48
CA PHE A 21 22.56 -11.64 -12.89
C PHE A 21 22.76 -10.36 -12.07
N ALA A 22 23.77 -10.36 -11.22
CA ALA A 22 24.09 -9.19 -10.40
C ALA A 22 24.50 -8.00 -11.24
N CYS A 23 25.30 -8.27 -12.28
CA CYS A 23 25.79 -7.22 -13.17
C CYS A 23 24.65 -6.55 -13.92
N LEU A 24 23.74 -7.37 -14.47
CA LEU A 24 22.58 -6.85 -15.17
C LEU A 24 21.67 -6.08 -14.22
N GLY A 25 21.70 -6.46 -12.94
CA GLY A 25 20.89 -5.83 -11.92
C GLY A 25 21.47 -4.49 -11.48
N LEU A 26 22.79 -4.43 -11.37
CA LEU A 26 23.46 -3.19 -10.98
C LEU A 26 23.28 -2.13 -12.07
N LEU A 27 23.40 -2.55 -13.32
CA LEU A 27 23.20 -1.67 -14.46
C LEU A 27 21.76 -1.16 -14.49
N ALA A 28 20.80 -2.05 -14.27
CA ALA A 28 19.39 -1.69 -14.25
C ALA A 28 19.11 -0.67 -13.15
N THR A 29 19.62 -0.93 -11.95
CA THR A 29 19.45 -0.01 -10.83
C THR A 29 20.15 1.32 -11.11
N LEU A 30 21.32 1.24 -11.73
CA LEU A 30 22.07 2.42 -12.11
C LEU A 30 21.29 3.25 -13.13
N PHE A 31 20.62 2.57 -14.05
CA PHE A 31 19.80 3.23 -15.06
C PHE A 31 18.64 3.97 -14.42
N VAL A 32 17.85 3.25 -13.64
CA VAL A 32 16.65 3.79 -12.99
C VAL A 32 16.96 4.99 -12.09
N THR A 33 18.03 4.89 -11.31
CA THR A 33 18.41 5.97 -10.38
C THR A 33 18.75 7.25 -11.13
N VAL A 34 19.57 7.13 -12.17
CA VAL A 34 19.94 8.28 -13.01
C VAL A 34 18.71 8.94 -13.60
N VAL A 35 17.76 8.13 -14.04
CA VAL A 35 16.51 8.62 -14.60
C VAL A 35 15.73 9.46 -13.59
N PHE A 36 15.68 9.00 -12.34
CA PHE A 36 14.95 9.72 -11.29
C PHE A 36 15.73 10.95 -10.80
N ILE A 37 17.00 11.05 -11.20
CA ILE A 37 17.81 12.20 -10.85
C ILE A 37 17.62 13.32 -11.88
N ILE A 38 17.78 12.96 -13.15
CA ILE A 38 17.60 13.90 -14.25
C ILE A 38 16.21 14.52 -14.22
N TYR A 39 15.19 13.67 -14.19
CA TYR A 39 13.80 14.13 -14.20
C TYR A 39 13.21 14.11 -12.80
N ARG A 40 13.87 14.75 -11.85
CA ARG A 40 13.37 14.78 -10.47
C ARG A 40 12.28 15.84 -10.30
N ASP A 41 12.04 16.62 -11.34
CA ASP A 41 11.06 17.69 -11.29
C ASP A 41 9.74 17.28 -11.94
N THR A 42 9.75 16.15 -12.63
CA THR A 42 8.53 15.66 -13.28
C THR A 42 7.55 15.09 -12.26
N PRO A 43 6.27 15.47 -12.39
CA PRO A 43 5.15 15.05 -11.54
C PRO A 43 5.08 13.56 -11.18
N VAL A 44 5.69 12.70 -11.98
CA VAL A 44 5.66 11.27 -11.69
C VAL A 44 6.70 10.91 -10.61
N VAL A 45 7.69 11.78 -10.45
CA VAL A 45 8.75 11.58 -9.47
C VAL A 45 8.58 12.52 -8.28
N LYS A 46 7.94 13.66 -8.53
CA LYS A 46 7.76 14.68 -7.50
C LYS A 46 6.60 14.36 -6.57
N SER A 47 5.61 13.64 -7.08
CA SER A 47 4.39 13.36 -6.32
C SER A 47 4.59 12.29 -5.27
N SER A 48 5.68 11.53 -5.39
CA SER A 48 6.02 10.52 -4.40
C SER A 48 7.08 11.06 -3.44
N SER A 49 7.78 10.16 -2.77
CA SER A 49 8.84 10.55 -1.84
C SER A 49 10.21 10.32 -2.48
N ARG A 50 10.87 11.41 -2.88
CA ARG A 50 12.16 11.34 -3.56
C ARG A 50 13.24 10.72 -2.68
N GLU A 51 13.26 11.06 -1.39
CA GLU A 51 14.30 10.58 -0.49
C GLU A 51 14.17 9.11 -0.15
N LEU A 52 12.94 8.62 -0.04
CA LEU A 52 12.71 7.23 0.31
C LEU A 52 13.14 6.29 -0.82
N CYS A 53 12.94 6.73 -2.06
CA CYS A 53 13.37 5.95 -3.22
C CYS A 53 14.87 5.76 -3.21
N TYR A 54 15.59 6.84 -2.88
CA TYR A 54 17.04 6.80 -2.79
C TYR A 54 17.50 5.77 -1.76
N ILE A 55 16.62 5.43 -0.83
CA ILE A 55 16.90 4.40 0.15
C ILE A 55 16.48 3.03 -0.38
N ILE A 56 15.36 3.00 -1.11
CA ILE A 56 14.86 1.76 -1.70
C ILE A 56 15.78 1.31 -2.84
N LEU A 57 16.25 2.26 -3.64
CA LEU A 57 17.14 1.94 -4.74
C LEU A 57 18.52 1.54 -4.24
N ALA A 58 18.92 2.08 -3.09
CA ALA A 58 20.20 1.75 -2.50
C ALA A 58 20.19 0.35 -1.91
N GLY A 59 19.06 -0.04 -1.35
CA GLY A 59 18.89 -1.36 -0.79
C GLY A 59 18.97 -2.43 -1.86
N ILE A 60 18.38 -2.13 -3.01
CA ILE A 60 18.39 -3.05 -4.15
C ILE A 60 19.81 -3.20 -4.72
N CYS A 61 20.53 -2.08 -4.77
CA CYS A 61 21.91 -2.07 -5.26
C CYS A 61 22.80 -2.99 -4.44
N LEU A 62 22.70 -2.89 -3.12
CA LEU A 62 23.47 -3.73 -2.22
C LEU A 62 23.01 -5.17 -2.30
N GLY A 63 21.73 -5.35 -2.65
CA GLY A 63 21.17 -6.69 -2.83
C GLY A 63 21.93 -7.43 -3.92
N TYR A 64 22.26 -6.73 -5.00
CA TYR A 64 23.02 -7.33 -6.08
C TYR A 64 24.49 -7.46 -5.73
N LEU A 65 25.01 -6.49 -4.97
CA LEU A 65 26.39 -6.51 -4.53
C LEU A 65 26.65 -7.69 -3.57
N CYS A 66 25.58 -8.34 -3.14
CA CYS A 66 25.70 -9.50 -2.26
C CYS A 66 26.38 -10.68 -2.95
N THR A 67 26.03 -10.92 -4.21
CA THR A 67 26.63 -12.04 -4.93
C THR A 67 28.11 -11.82 -5.21
N PHE A 68 28.67 -10.73 -4.71
CA PHE A 68 30.10 -10.50 -4.82
C PHE A 68 30.75 -10.79 -3.48
N CYS A 69 29.93 -10.95 -2.45
CA CYS A 69 30.39 -11.35 -1.12
C CYS A 69 30.22 -12.85 -0.94
N LEU A 70 29.23 -13.41 -1.65
CA LEU A 70 29.00 -14.85 -1.63
C LEU A 70 29.87 -15.52 -2.68
N ILE A 71 30.32 -14.72 -3.65
CA ILE A 71 31.24 -15.18 -4.69
C ILE A 71 32.47 -14.27 -4.67
N ALA A 72 33.51 -14.67 -3.94
CA ALA A 72 34.71 -13.84 -3.81
C ALA A 72 35.93 -14.63 -3.33
N LYS A 73 37.09 -13.98 -3.41
CA LYS A 73 38.32 -14.53 -2.86
C LYS A 73 38.18 -14.65 -1.33
N PRO A 74 38.66 -15.76 -0.76
CA PRO A 74 38.49 -16.05 0.67
C PRO A 74 39.16 -15.03 1.59
N LYS A 75 38.47 -13.93 1.86
CA LYS A 75 38.95 -12.94 2.83
C LYS A 75 38.02 -12.91 4.04
N GLN A 76 38.53 -12.40 5.15
CA GLN A 76 37.79 -12.43 6.41
C GLN A 76 36.65 -11.43 6.44
N ILE A 77 36.90 -10.22 5.95
CA ILE A 77 35.91 -9.16 5.97
C ILE A 77 34.74 -9.44 5.03
N TYR A 78 34.96 -10.34 4.07
CA TYR A 78 33.91 -10.71 3.13
C TYR A 78 32.83 -11.54 3.82
N CYS A 79 33.21 -12.25 4.88
CA CYS A 79 32.24 -12.93 5.73
C CYS A 79 31.39 -11.90 6.45
N TYR A 80 32.04 -10.80 6.86
CA TYR A 80 31.34 -9.69 7.48
C TYR A 80 30.40 -9.01 6.49
N LEU A 81 30.91 -8.77 5.28
CA LEU A 81 30.12 -8.10 4.24
C LEU A 81 28.91 -8.91 3.82
N GLN A 82 29.03 -10.23 3.86
CA GLN A 82 27.92 -11.13 3.56
C GLN A 82 26.73 -10.89 4.49
N ARG A 83 26.93 -11.24 5.75
CA ARG A 83 25.89 -11.15 6.78
C ARG A 83 25.33 -9.74 6.91
N ILE A 84 26.18 -8.75 6.67
CA ILE A 84 25.79 -7.36 6.78
C ILE A 84 25.06 -6.89 5.53
N GLY A 85 25.21 -7.63 4.43
CA GLY A 85 24.59 -7.29 3.16
C GLY A 85 23.28 -8.02 2.94
N ILE A 86 23.24 -9.28 3.35
CA ILE A 86 22.03 -10.09 3.23
C ILE A 86 21.01 -9.67 4.30
N GLY A 87 21.51 -9.05 5.36
CA GLY A 87 20.67 -8.62 6.46
C GLY A 87 20.10 -7.22 6.33
N LEU A 88 20.94 -6.27 5.92
CA LEU A 88 20.53 -4.87 5.88
C LEU A 88 19.89 -4.43 4.57
N SER A 89 20.35 -4.98 3.45
CA SER A 89 19.84 -4.61 2.14
C SER A 89 18.32 -4.75 2.02
N PRO A 90 17.74 -5.88 2.51
CA PRO A 90 16.27 -5.93 2.48
C PRO A 90 15.65 -4.90 3.41
N ALA A 91 16.30 -4.64 4.53
CA ALA A 91 15.77 -3.72 5.54
C ALA A 91 15.72 -2.30 5.02
N MET A 92 16.72 -1.91 4.23
CA MET A 92 16.76 -0.56 3.67
C MET A 92 15.64 -0.36 2.66
N SER A 93 15.14 -1.45 2.08
CA SER A 93 14.10 -1.37 1.07
C SER A 93 12.71 -1.49 1.69
N TYR A 94 12.56 -2.41 2.63
CA TYR A 94 11.23 -2.71 3.18
C TYR A 94 10.87 -1.82 4.37
N SER A 95 11.86 -1.26 5.04
CA SER A 95 11.59 -0.37 6.16
C SER A 95 11.40 1.07 5.68
N ALA A 96 11.81 1.33 4.45
CA ALA A 96 11.58 2.62 3.82
C ALA A 96 10.28 2.56 3.01
N LEU A 97 9.90 1.34 2.61
CA LEU A 97 8.66 1.14 1.89
C LEU A 97 7.48 1.09 2.85
N VAL A 98 7.71 0.61 4.06
CA VAL A 98 6.65 0.49 5.05
C VAL A 98 6.21 1.87 5.51
N THR A 99 7.14 2.82 5.58
CA THR A 99 6.80 4.18 5.97
C THR A 99 6.04 4.86 4.84
N LYS A 100 6.33 4.45 3.61
CA LYS A 100 5.61 4.94 2.44
C LYS A 100 4.18 4.43 2.43
N THR A 101 4.03 3.12 2.65
CA THR A 101 2.71 2.50 2.64
C THR A 101 1.90 2.91 3.87
N TYR A 102 2.59 3.14 4.98
CA TYR A 102 1.92 3.58 6.20
C TYR A 102 1.37 4.99 6.04
N ARG A 103 2.15 5.86 5.41
CA ARG A 103 1.69 7.21 5.11
C ARG A 103 0.50 7.18 4.17
N ALA A 104 0.61 6.35 3.14
CA ALA A 104 -0.46 6.18 2.17
C ALA A 104 -1.74 5.72 2.86
N ALA A 105 -1.57 4.83 3.83
CA ALA A 105 -2.72 4.31 4.58
C ALA A 105 -3.27 5.35 5.54
N ARG A 106 -2.39 6.18 6.08
CA ARG A 106 -2.82 7.21 7.01
C ARG A 106 -3.57 8.31 6.29
N ILE A 107 -3.12 8.64 5.08
CA ILE A 107 -3.81 9.63 4.25
C ILE A 107 -5.21 9.14 3.88
N LEU A 108 -5.30 7.87 3.49
CA LEU A 108 -6.57 7.26 3.12
C LEU A 108 -7.54 7.20 4.29
N ALA A 109 -7.03 6.82 5.47
CA ALA A 109 -7.85 6.75 6.67
C ALA A 109 -8.50 8.08 6.99
N MET A 110 -7.75 9.16 6.75
CA MET A 110 -8.26 10.50 6.98
C MET A 110 -9.29 10.88 5.92
N SER A 111 -9.19 10.25 4.75
CA SER A 111 -10.15 10.49 3.68
C SER A 111 -11.52 9.95 4.09
N LYS A 112 -11.53 8.73 4.61
CA LYS A 112 -12.76 8.10 5.09
C LYS A 112 -13.29 8.80 6.34
N LYS A 113 -12.42 9.56 7.00
CA LYS A 113 -12.80 10.33 8.17
C LYS A 113 -13.73 11.47 7.79
N ASN A 114 -13.42 12.12 6.67
CA ASN A 114 -14.20 13.26 6.22
C ASN A 114 -15.60 12.90 5.73
N ILE A 115 -15.71 11.79 5.00
CA ILE A 115 -16.99 11.35 4.49
C ILE A 115 -17.88 10.85 5.64
N PHE A 116 -17.24 10.37 6.70
CA PHE A 116 -17.97 9.95 7.90
C PHE A 116 -18.60 11.16 8.57
N GLU A 117 -17.81 12.21 8.76
CA GLU A 117 -18.29 13.45 9.36
C GLU A 117 -19.27 14.15 8.42
N MET A 118 -19.27 13.76 7.15
CA MET A 118 -20.18 14.31 6.17
C MET A 118 -21.60 13.78 6.38
N LEU A 119 -21.73 12.46 6.45
CA LEU A 119 -23.03 11.83 6.58
C LEU A 119 -23.55 11.85 8.02
N ARG A 120 -22.65 12.05 8.97
CA ARG A 120 -23.06 12.21 10.36
C ARG A 120 -23.92 13.47 10.50
N ILE A 121 -23.54 14.50 9.76
CA ILE A 121 -24.28 15.76 9.74
C ILE A 121 -25.50 15.67 8.84
N ASP A 122 -25.34 15.03 7.69
CA ASP A 122 -26.39 14.97 6.68
C ASP A 122 -27.46 13.91 6.95
N GLU A 123 -27.06 12.77 7.50
CA GLU A 123 -28.00 11.65 7.68
C GLU A 123 -28.24 11.32 9.14
N GLY A 124 -27.21 11.47 9.97
CA GLY A 124 -27.37 11.25 11.39
C GLY A 124 -26.62 10.05 11.93
N LEU A 125 -26.83 9.77 13.22
CA LEU A 125 -26.07 8.74 13.91
C LEU A 125 -26.78 8.29 15.19
N ARG A 126 -26.72 6.99 15.48
CA ARG A 126 -27.26 6.46 16.73
C ARG A 126 -26.24 5.56 17.41
N LEU A 127 -25.92 5.86 18.66
CA LEU A 127 -24.87 5.12 19.37
C LEU A 127 -25.40 3.83 19.98
N LYS A 128 -26.70 3.62 19.91
CA LYS A 128 -27.28 2.36 20.37
C LYS A 128 -28.20 1.76 19.31
N ILE A 129 -28.44 0.45 19.42
CA ILE A 129 -29.22 -0.29 18.43
C ILE A 129 -30.62 0.26 18.25
N TYR A 130 -31.05 0.35 16.99
CA TYR A 130 -32.42 0.74 16.64
C TYR A 130 -32.90 -0.11 15.47
N LYS A 131 -34.02 0.28 14.87
CA LYS A 131 -34.54 -0.40 13.69
C LYS A 131 -34.79 0.59 12.56
N ASP A 132 -34.69 0.12 11.32
CA ASP A 132 -34.97 0.97 10.18
C ASP A 132 -36.45 0.87 9.80
N THR A 133 -36.82 1.50 8.70
CA THR A 133 -38.18 1.42 8.19
C THR A 133 -38.59 -0.02 7.95
N GLU A 134 -37.66 -0.79 7.37
CA GLU A 134 -37.90 -2.19 7.08
C GLU A 134 -38.02 -3.03 8.35
N GLY A 135 -37.54 -2.48 9.47
CA GLY A 135 -37.72 -3.10 10.77
C GLY A 135 -36.57 -3.96 11.24
N TYR A 136 -35.53 -4.08 10.42
CA TYR A 136 -34.36 -4.87 10.79
C TYR A 136 -33.47 -4.11 11.75
N TYR A 137 -32.73 -4.83 12.59
CA TYR A 137 -31.89 -4.21 13.61
C TYR A 137 -30.72 -3.46 13.01
N THR A 138 -30.52 -2.23 13.49
CA THR A 138 -29.56 -1.31 12.91
C THR A 138 -28.83 -0.50 13.98
N ILE A 139 -27.63 -0.04 13.67
CA ILE A 139 -26.90 0.83 14.59
C ILE A 139 -25.98 1.76 13.81
N GLY A 140 -25.66 2.91 14.39
CA GLY A 140 -24.83 3.89 13.72
C GLY A 140 -25.55 4.58 12.58
N ILE A 141 -24.80 4.94 11.54
CA ILE A 141 -25.39 5.57 10.36
C ILE A 141 -25.98 4.50 9.44
N GLY A 142 -27.13 3.97 9.82
CA GLY A 142 -27.85 3.02 9.00
C GLY A 142 -27.07 1.76 8.65
N HIS A 143 -26.30 1.26 9.62
CA HIS A 143 -25.52 0.05 9.41
C HIS A 143 -26.27 -1.19 9.89
N LEU A 144 -26.76 -1.99 8.94
CA LEU A 144 -27.51 -3.20 9.26
C LEU A 144 -26.62 -4.20 10.01
N LEU A 145 -27.13 -4.70 11.13
CA LEU A 145 -26.39 -5.65 11.95
C LEU A 145 -26.79 -7.09 11.62
N THR A 146 -28.10 -7.37 11.67
CA THR A 146 -28.60 -8.70 11.40
C THR A 146 -30.00 -8.66 10.80
N LYS A 147 -30.45 -9.81 10.31
CA LYS A 147 -31.76 -9.91 9.68
C LYS A 147 -32.75 -10.70 10.55
N SER A 148 -32.37 -10.94 11.80
CA SER A 148 -33.21 -11.72 12.70
C SER A 148 -33.98 -10.84 13.69
N PRO A 149 -35.22 -11.23 14.00
CA PRO A 149 -36.07 -10.55 14.98
C PRO A 149 -35.47 -10.57 16.39
N SER A 150 -34.50 -11.45 16.60
CA SER A 150 -33.83 -11.55 17.90
C SER A 150 -32.97 -10.32 18.17
N LEU A 151 -33.28 -9.61 19.24
CA LEU A 151 -32.47 -8.49 19.69
C LEU A 151 -31.10 -9.00 20.11
N ASN A 152 -31.07 -10.22 20.61
CA ASN A 152 -29.82 -10.87 21.01
C ASN A 152 -28.92 -11.15 19.80
N ALA A 153 -29.54 -11.33 18.64
CA ALA A 153 -28.80 -11.59 17.41
C ALA A 153 -27.99 -10.36 16.99
N ALA A 154 -28.59 -9.18 17.17
CA ALA A 154 -27.93 -7.94 16.80
C ALA A 154 -26.74 -7.65 17.71
N LYS A 155 -26.86 -8.02 18.98
CA LYS A 155 -25.82 -7.78 19.96
C LYS A 155 -24.62 -8.69 19.76
N SER A 156 -24.89 -9.90 19.29
CA SER A 156 -23.81 -10.85 18.99
C SER A 156 -23.04 -10.39 17.77
N GLU A 157 -23.76 -10.06 16.72
CA GLU A 157 -23.16 -9.56 15.48
C GLU A 157 -22.39 -8.28 15.73
N LEU A 158 -22.89 -7.46 16.65
CA LEU A 158 -22.24 -6.21 17.00
C LEU A 158 -20.93 -6.46 17.74
N ASP A 159 -21.00 -7.29 18.78
CA ASP A 159 -19.81 -7.60 19.58
C ASP A 159 -18.71 -8.21 18.72
N LYS A 160 -19.09 -9.14 17.85
CA LYS A 160 -18.14 -9.74 16.92
C LYS A 160 -17.59 -8.69 15.97
N ALA A 161 -18.41 -7.69 15.65
CA ALA A 161 -18.02 -6.66 14.70
C ALA A 161 -17.11 -5.60 15.33
N ILE A 162 -17.30 -5.32 16.61
CA ILE A 162 -16.51 -4.31 17.29
C ILE A 162 -15.22 -4.86 17.86
N GLY A 163 -15.34 -5.92 18.65
CA GLY A 163 -14.18 -6.55 19.26
C GLY A 163 -14.24 -6.54 20.77
N ARG A 164 -15.42 -6.24 21.31
CA ARG A 164 -15.63 -6.20 22.75
C ARG A 164 -17.11 -6.37 23.08
N ASN A 165 -17.41 -6.51 24.37
CA ASN A 165 -18.79 -6.57 24.82
C ASN A 165 -19.39 -5.17 24.87
N THR A 166 -20.22 -4.85 23.88
CA THR A 166 -20.74 -3.50 23.70
C THR A 166 -22.06 -3.26 24.43
N ASN A 167 -22.80 -4.34 24.67
CA ASN A 167 -24.13 -4.27 25.29
C ASN A 167 -25.09 -3.37 24.51
N GLY A 168 -24.98 -3.41 23.19
CA GLY A 168 -25.85 -2.63 22.34
C GLY A 168 -25.54 -1.14 22.31
N VAL A 169 -24.37 -0.77 22.81
CA VAL A 169 -23.95 0.62 22.82
C VAL A 169 -22.53 0.77 22.28
N ILE A 170 -22.36 1.64 21.30
CA ILE A 170 -21.04 1.87 20.70
C ILE A 170 -20.62 3.33 20.86
N THR A 171 -19.51 3.69 20.21
CA THR A 171 -19.01 5.06 20.24
C THR A 171 -18.95 5.64 18.84
N LYS A 172 -18.49 6.88 18.72
CA LYS A 172 -18.40 7.54 17.42
C LYS A 172 -17.30 6.92 16.57
N ASP A 173 -16.22 6.49 17.22
CA ASP A 173 -15.11 5.85 16.53
C ASP A 173 -15.48 4.44 16.07
N GLU A 174 -16.28 3.75 16.87
CA GLU A 174 -16.74 2.41 16.53
C GLU A 174 -17.82 2.47 15.46
N ALA A 175 -18.58 3.56 15.47
CA ALA A 175 -19.61 3.77 14.45
C ALA A 175 -18.97 4.17 13.13
N GLU A 176 -17.75 4.71 13.21
CA GLU A 176 -17.00 5.05 12.01
C GLU A 176 -16.45 3.78 11.36
N LYS A 177 -16.09 2.82 12.19
CA LYS A 177 -15.56 1.54 11.73
C LYS A 177 -16.59 0.80 10.87
N LEU A 178 -17.82 0.70 11.37
CA LEU A 178 -18.89 0.05 10.64
C LEU A 178 -19.26 0.83 9.39
N PHE A 179 -19.11 2.15 9.46
CA PHE A 179 -19.44 3.03 8.34
C PHE A 179 -18.44 2.86 7.20
N ASN A 180 -17.18 2.60 7.55
CA ASN A 180 -16.14 2.34 6.56
C ASN A 180 -16.50 1.14 5.69
N GLN A 181 -17.17 0.16 6.29
CA GLN A 181 -17.63 -1.01 5.57
C GLN A 181 -18.72 -0.66 4.57
N ASP A 182 -19.70 0.12 5.03
CA ASP A 182 -20.82 0.54 4.19
C ASP A 182 -20.35 1.44 3.05
N VAL A 183 -19.32 2.23 3.31
CA VAL A 183 -18.74 3.10 2.29
C VAL A 183 -18.16 2.27 1.15
N ASP A 184 -17.32 1.29 1.50
CA ASP A 184 -16.68 0.43 0.52
C ASP A 184 -17.71 -0.38 -0.25
N ALA A 185 -18.74 -0.84 0.44
CA ALA A 185 -19.81 -1.62 -0.19
C ALA A 185 -20.59 -0.75 -1.17
N ALA A 186 -20.66 0.54 -0.89
CA ALA A 186 -21.33 1.49 -1.78
C ALA A 186 -20.49 1.73 -3.02
N VAL A 187 -19.18 1.81 -2.85
CA VAL A 187 -18.26 2.00 -3.96
C VAL A 187 -18.29 0.80 -4.90
N ARG A 188 -18.43 -0.39 -4.34
CA ARG A 188 -18.56 -1.61 -5.12
C ARG A 188 -19.77 -1.53 -6.06
N GLY A 189 -20.90 -1.11 -5.51
CA GLY A 189 -22.12 -0.98 -6.29
C GLY A 189 -22.02 0.09 -7.36
N ILE A 190 -21.36 1.19 -7.03
CA ILE A 190 -21.17 2.29 -7.98
C ILE A 190 -20.31 1.85 -9.16
N LEU A 191 -19.25 1.10 -8.88
CA LEU A 191 -18.34 0.62 -9.91
C LEU A 191 -19.00 -0.46 -10.77
N ARG A 192 -20.07 -1.06 -10.26
CA ARG A 192 -20.81 -2.07 -11.01
C ARG A 192 -22.08 -1.47 -11.61
N ASN A 193 -22.19 -0.15 -11.54
CA ASN A 193 -23.28 0.58 -12.16
C ASN A 193 -22.76 1.38 -13.35
N ALA A 194 -23.19 0.99 -14.56
CA ALA A 194 -22.66 1.56 -15.79
C ALA A 194 -22.91 3.06 -15.92
N LYS A 195 -24.00 3.53 -15.31
CA LYS A 195 -24.37 4.95 -15.42
C LYS A 195 -23.66 5.81 -14.37
N LEU A 196 -23.16 5.17 -13.32
CA LEU A 196 -22.52 5.89 -12.22
C LEU A 196 -21.00 5.76 -12.24
N LYS A 197 -20.50 4.72 -12.91
CA LYS A 197 -19.07 4.45 -12.92
C LYS A 197 -18.22 5.52 -13.62
N PRO A 198 -18.59 5.94 -14.84
CA PRO A 198 -17.74 6.96 -15.48
C PRO A 198 -17.69 8.28 -14.72
N VAL A 199 -18.77 8.63 -14.05
CA VAL A 199 -18.84 9.87 -13.29
C VAL A 199 -17.94 9.79 -12.05
N TYR A 200 -17.97 8.64 -11.39
CA TYR A 200 -17.17 8.43 -10.19
C TYR A 200 -15.67 8.47 -10.47
N ASP A 201 -15.28 7.97 -11.64
CA ASP A 201 -13.87 7.88 -12.01
C ASP A 201 -13.26 9.24 -12.35
N SER A 202 -14.10 10.15 -12.85
CA SER A 202 -13.62 11.46 -13.30
C SER A 202 -13.44 12.45 -12.15
N LEU A 203 -14.31 12.35 -11.15
CA LEU A 203 -14.30 13.28 -10.03
C LEU A 203 -13.06 13.14 -9.15
N ASP A 204 -12.80 14.15 -8.34
CA ASP A 204 -11.68 14.11 -7.40
C ASP A 204 -12.10 13.44 -6.09
N ALA A 205 -11.29 13.61 -5.05
CA ALA A 205 -11.53 12.94 -3.77
C ALA A 205 -12.77 13.46 -3.06
N VAL A 206 -12.85 14.77 -2.90
CA VAL A 206 -13.97 15.40 -2.18
C VAL A 206 -15.30 15.19 -2.90
N ARG A 207 -15.31 15.41 -4.21
CA ARG A 207 -16.54 15.31 -5.00
C ARG A 207 -17.09 13.89 -5.05
N ARG A 208 -16.22 12.91 -4.87
CA ARG A 208 -16.66 11.52 -4.83
C ARG A 208 -17.51 11.27 -3.59
N ALA A 209 -17.17 11.94 -2.49
CA ALA A 209 -17.92 11.83 -1.25
C ALA A 209 -19.32 12.39 -1.40
N ALA A 210 -19.43 13.48 -2.18
CA ALA A 210 -20.73 14.10 -2.44
C ALA A 210 -21.64 13.18 -3.24
N LEU A 211 -21.03 12.40 -4.13
CA LEU A 211 -21.79 11.45 -4.95
C LEU A 211 -22.29 10.28 -4.12
N ILE A 212 -21.42 9.75 -3.26
CA ILE A 212 -21.79 8.64 -2.38
C ILE A 212 -22.87 9.08 -1.41
N ASN A 213 -22.81 10.35 -0.99
CA ASN A 213 -23.84 10.93 -0.14
C ASN A 213 -25.22 10.79 -0.76
N MET A 214 -25.31 11.13 -2.05
CA MET A 214 -26.56 11.03 -2.80
C MET A 214 -27.00 9.57 -2.92
N VAL A 215 -26.02 8.68 -3.05
CA VAL A 215 -26.29 7.24 -3.15
C VAL A 215 -26.91 6.72 -1.85
N PHE A 216 -26.38 7.18 -0.72
CA PHE A 216 -26.86 6.77 0.59
C PHE A 216 -28.19 7.41 0.95
N GLN A 217 -28.71 8.24 0.05
CA GLN A 217 -29.99 8.90 0.28
C GLN A 217 -31.07 8.36 -0.64
N MET A 218 -30.75 8.26 -1.93
CA MET A 218 -31.74 7.88 -2.95
C MET A 218 -31.50 6.49 -3.52
N GLY A 219 -30.27 6.00 -3.45
CA GLY A 219 -29.93 4.71 -4.00
C GLY A 219 -29.29 4.82 -5.37
N GLU A 220 -28.56 3.78 -5.77
CA GLU A 220 -27.88 3.76 -7.07
C GLU A 220 -28.84 4.00 -8.22
N THR A 221 -29.99 3.34 -8.17
CA THR A 221 -30.98 3.45 -9.24
C THR A 221 -31.54 4.86 -9.30
N GLY A 222 -31.49 5.58 -8.17
CA GLY A 222 -32.01 6.93 -8.10
C GLY A 222 -31.03 7.96 -8.62
N VAL A 223 -29.77 7.85 -8.20
CA VAL A 223 -28.72 8.79 -8.62
C VAL A 223 -28.55 8.74 -10.13
N ALA A 224 -28.85 7.59 -10.72
CA ALA A 224 -28.77 7.42 -12.17
C ALA A 224 -29.84 8.27 -12.87
N GLY A 225 -30.86 8.67 -12.12
CA GLY A 225 -31.93 9.51 -12.65
C GLY A 225 -31.44 10.91 -12.98
N PHE A 226 -30.31 11.29 -12.41
CA PHE A 226 -29.72 12.60 -12.67
C PHE A 226 -28.80 12.56 -13.89
N THR A 227 -29.28 11.95 -14.96
CA THR A 227 -28.49 11.73 -16.18
C THR A 227 -27.81 13.00 -16.69
N ASN A 228 -28.60 14.05 -16.89
CA ASN A 228 -28.07 15.32 -17.39
C ASN A 228 -27.08 15.94 -16.41
N SER A 229 -27.42 15.90 -15.13
CA SER A 229 -26.56 16.46 -14.08
C SER A 229 -25.24 15.71 -13.96
N LEU A 230 -25.29 14.39 -14.08
CA LEU A 230 -24.09 13.56 -13.95
C LEU A 230 -23.13 13.80 -15.11
N ARG A 231 -23.66 14.05 -16.30
CA ARG A 231 -22.85 14.34 -17.46
C ARG A 231 -22.13 15.68 -17.29
N MET A 232 -22.82 16.64 -16.69
CA MET A 232 -22.24 17.95 -16.41
C MET A 232 -21.06 17.84 -15.44
N LEU A 233 -21.22 16.98 -14.45
CA LEU A 233 -20.17 16.78 -13.45
C LEU A 233 -18.95 16.06 -14.04
N GLN A 234 -19.20 15.12 -14.94
CA GLN A 234 -18.14 14.35 -15.56
C GLN A 234 -17.29 15.23 -16.48
N GLN A 235 -17.94 16.16 -17.15
CA GLN A 235 -17.25 17.11 -18.03
C GLN A 235 -16.73 18.29 -17.21
N LYS A 236 -16.78 18.17 -15.89
CA LYS A 236 -16.26 19.18 -14.97
C LYS A 236 -16.96 20.53 -15.13
N ARG A 237 -18.25 20.49 -15.43
CA ARG A 237 -19.08 21.69 -15.49
C ARG A 237 -19.85 21.81 -14.18
N TRP A 238 -19.18 22.30 -13.14
CA TRP A 238 -19.73 22.33 -11.80
C TRP A 238 -20.90 23.29 -11.65
N ASP A 239 -20.69 24.53 -12.09
CA ASP A 239 -21.69 25.58 -11.94
C ASP A 239 -22.99 25.24 -12.66
N GLU A 240 -22.87 24.59 -13.81
CA GLU A 240 -24.04 24.14 -14.56
C GLU A 240 -24.74 22.99 -13.84
N ALA A 241 -23.94 22.11 -13.26
CA ALA A 241 -24.47 20.95 -12.53
C ALA A 241 -25.25 21.40 -11.30
N ALA A 242 -24.71 22.38 -10.59
CA ALA A 242 -25.35 22.93 -9.40
C ALA A 242 -26.71 23.53 -9.74
N VAL A 243 -26.74 24.35 -10.79
CA VAL A 243 -27.96 24.97 -11.28
C VAL A 243 -28.98 23.91 -11.66
N ASN A 244 -28.52 22.87 -12.33
CA ASN A 244 -29.37 21.79 -12.80
C ASN A 244 -29.92 20.95 -11.67
N LEU A 245 -29.13 20.80 -10.61
CA LEU A 245 -29.52 20.00 -9.45
C LEU A 245 -30.47 20.76 -8.53
N ALA A 246 -30.45 22.09 -8.62
CA ALA A 246 -31.30 22.92 -7.78
C ALA A 246 -32.72 23.03 -8.35
N LYS A 247 -32.97 22.30 -9.43
CA LYS A 247 -34.28 22.29 -10.06
C LYS A 247 -34.96 20.94 -9.82
N SER A 248 -34.22 20.02 -9.21
CA SER A 248 -34.71 18.66 -9.02
C SER A 248 -35.69 18.55 -7.86
N ARG A 249 -36.50 17.49 -7.88
CA ARG A 249 -37.43 17.23 -6.79
C ARG A 249 -36.65 16.91 -5.51
N TRP A 250 -35.48 16.33 -5.69
CA TRP A 250 -34.57 16.02 -4.58
C TRP A 250 -34.15 17.28 -3.83
N TYR A 251 -33.95 18.37 -4.56
CA TYR A 251 -33.59 19.65 -3.95
C TYR A 251 -34.79 20.27 -3.23
N ASN A 252 -35.98 20.09 -3.80
CA ASN A 252 -37.18 20.70 -3.23
C ASN A 252 -37.77 19.88 -2.08
N GLN A 253 -37.40 18.61 -2.01
CA GLN A 253 -37.93 17.72 -0.99
C GLN A 253 -37.06 17.73 0.27
N THR A 254 -35.75 17.85 0.07
CA THR A 254 -34.81 17.93 1.19
C THR A 254 -33.79 19.04 0.94
N PRO A 255 -34.24 20.31 1.04
CA PRO A 255 -33.41 21.46 0.65
C PRO A 255 -32.20 21.72 1.53
N ASN A 256 -32.32 21.50 2.83
CA ASN A 256 -31.21 21.76 3.75
C ASN A 256 -30.00 20.89 3.46
N ARG A 257 -30.24 19.60 3.26
CA ARG A 257 -29.16 18.66 2.98
C ARG A 257 -28.63 18.81 1.56
N ALA A 258 -29.54 18.83 0.60
CA ALA A 258 -29.18 18.90 -0.82
C ALA A 258 -28.30 20.10 -1.13
N LYS A 259 -28.63 21.24 -0.52
CA LYS A 259 -27.88 22.48 -0.73
C LYS A 259 -26.40 22.31 -0.38
N ARG A 260 -26.12 21.50 0.63
CA ARG A 260 -24.75 21.24 1.05
C ARG A 260 -24.03 20.29 0.11
N VAL A 261 -24.72 19.24 -0.32
CA VAL A 261 -24.15 18.28 -1.27
C VAL A 261 -23.84 18.96 -2.59
N ILE A 262 -24.78 19.78 -3.06
CA ILE A 262 -24.60 20.55 -4.28
C ILE A 262 -23.40 21.49 -4.18
N THR A 263 -23.29 22.17 -3.05
CA THR A 263 -22.20 23.12 -2.82
C THR A 263 -20.83 22.43 -2.87
N THR A 264 -20.78 21.20 -2.36
CA THR A 264 -19.55 20.40 -2.41
C THR A 264 -19.16 20.12 -3.85
N PHE A 265 -20.15 19.84 -4.69
CA PHE A 265 -19.93 19.63 -6.11
C PHE A 265 -19.35 20.86 -6.79
N ARG A 266 -19.84 22.04 -6.39
CA ARG A 266 -19.38 23.31 -6.94
C ARG A 266 -17.89 23.55 -6.69
N THR A 267 -17.53 23.68 -5.42
CA THR A 267 -16.18 24.08 -5.05
C THR A 267 -15.19 22.92 -5.00
N GLY A 268 -15.69 21.73 -4.69
CA GLY A 268 -14.83 20.57 -4.51
C GLY A 268 -14.15 20.60 -3.16
N THR A 269 -14.73 21.36 -2.24
CA THR A 269 -14.20 21.48 -0.88
C THR A 269 -15.24 21.10 0.16
N TRP A 270 -14.85 21.23 1.43
CA TRP A 270 -15.73 20.94 2.55
C TRP A 270 -16.19 22.21 3.24
N ASP A 271 -16.42 23.26 2.46
CA ASP A 271 -16.85 24.54 3.01
C ASP A 271 -18.25 24.44 3.59
N ALA A 272 -19.10 23.63 2.95
CA ALA A 272 -20.49 23.48 3.37
C ALA A 272 -20.61 22.76 4.71
N TYR A 273 -19.54 22.08 5.12
CA TYR A 273 -19.53 21.35 6.38
C TYR A 273 -18.51 21.94 7.34
N LYS A 274 -18.80 21.86 8.64
CA LYS A 274 -17.84 22.29 9.64
C LYS A 274 -16.61 21.40 9.58
N ILE A 275 -16.83 20.13 9.25
CA ILE A 275 -15.79 19.13 9.00
C ILE A 275 -14.58 19.23 9.94
N SER A 284 4.64 13.77 7.47
CA SER A 284 5.79 14.66 7.31
C SER A 284 6.96 13.93 6.64
N ALA A 285 7.62 14.62 5.72
CA ALA A 285 8.64 14.00 4.87
C ALA A 285 9.96 13.76 5.60
N CYS A 286 10.24 14.56 6.62
CA CYS A 286 11.45 14.37 7.41
C CYS A 286 11.19 13.37 8.53
N ALA A 287 9.93 13.31 8.96
CA ALA A 287 9.54 12.39 10.02
C ALA A 287 9.62 10.95 9.55
N GLN A 288 9.37 10.71 8.27
CA GLN A 288 9.46 9.38 7.69
C GLN A 288 10.91 8.96 7.53
N LEU A 289 11.79 9.94 7.36
CA LEU A 289 13.20 9.66 7.13
C LEU A 289 13.89 9.25 8.42
N VAL A 290 13.30 9.63 9.54
CA VAL A 290 13.85 9.25 10.84
C VAL A 290 13.37 7.86 11.23
N ILE A 291 12.10 7.58 10.96
CA ILE A 291 11.52 6.27 11.25
C ILE A 291 12.14 5.17 10.40
N ALA A 292 12.34 5.46 9.13
CA ALA A 292 13.01 4.53 8.22
C ALA A 292 14.42 4.24 8.71
N PHE A 293 15.12 5.29 9.14
CA PHE A 293 16.46 5.17 9.70
C PHE A 293 16.47 4.31 10.95
N ILE A 294 15.44 4.46 11.78
CA ILE A 294 15.33 3.71 13.02
C ILE A 294 15.16 2.21 12.76
N LEU A 295 14.22 1.88 11.86
CA LEU A 295 13.94 0.49 11.54
C LEU A 295 15.14 -0.21 10.92
N ILE A 296 16.00 0.56 10.25
CA ILE A 296 17.22 0.02 9.66
C ILE A 296 18.26 -0.25 10.75
N CYS A 297 18.36 0.67 11.72
CA CYS A 297 19.30 0.52 12.82
C CYS A 297 18.97 -0.70 13.67
N ILE A 298 17.68 -0.98 13.83
CA ILE A 298 17.23 -2.15 14.58
C ILE A 298 17.79 -3.43 13.96
N GLN A 299 17.80 -3.48 12.63
CA GLN A 299 18.35 -4.63 11.95
C GLN A 299 19.87 -4.67 12.10
N LEU A 300 20.49 -3.50 12.08
CA LEU A 300 21.94 -3.39 12.25
C LEU A 300 22.36 -3.90 13.62
N GLY A 301 21.58 -3.55 14.64
CA GLY A 301 21.82 -4.01 16.00
C GLY A 301 21.83 -5.52 16.08
N ILE A 302 20.83 -6.15 15.46
CA ILE A 302 20.72 -7.60 15.41
C ILE A 302 21.95 -8.21 14.74
N ILE A 303 22.43 -7.57 13.68
CA ILE A 303 23.59 -8.05 12.95
C ILE A 303 24.88 -7.87 13.75
N VAL A 304 25.04 -6.68 14.34
CA VAL A 304 26.20 -6.39 15.18
C VAL A 304 26.24 -7.33 16.38
N ALA A 305 25.08 -7.55 17.00
CA ALA A 305 24.99 -8.44 18.15
C ALA A 305 25.41 -9.86 17.79
N LEU A 306 25.03 -10.31 16.60
CA LEU A 306 25.36 -11.66 16.16
C LEU A 306 26.81 -11.76 15.69
N PHE A 307 27.44 -10.61 15.44
CA PHE A 307 28.87 -10.57 15.17
C PHE A 307 29.64 -10.83 16.46
N ILE A 308 29.04 -10.42 17.57
CA ILE A 308 29.65 -10.59 18.89
C ILE A 308 29.39 -11.97 19.45
N MET A 309 28.13 -12.40 19.38
CA MET A 309 27.73 -13.71 19.86
C MET A 309 28.37 -14.82 19.04
N GLU A 310 28.37 -14.64 17.73
CA GLU A 310 28.93 -15.62 16.82
C GLU A 310 29.88 -14.97 15.82
N PRO A 311 31.16 -14.85 16.19
CA PRO A 311 32.17 -14.21 15.33
C PRO A 311 32.30 -14.92 13.99
N PRO A 312 32.07 -14.19 12.89
CA PRO A 312 32.19 -14.76 11.54
C PRO A 312 33.61 -15.22 11.24
N ASP A 313 33.72 -16.29 10.47
CA ASP A 313 35.02 -16.88 10.17
C ASP A 313 34.93 -17.69 8.87
N ILE A 314 36.05 -17.79 8.15
CA ILE A 314 36.09 -18.57 6.93
C ILE A 314 36.06 -20.07 7.26
N MET A 315 35.05 -20.76 6.77
CA MET A 315 34.89 -22.18 7.04
C MET A 315 35.93 -23.00 6.30
N VAL A 324 36.43 -19.69 -5.61
CA VAL A 324 35.27 -18.89 -6.03
C VAL A 324 34.19 -18.89 -4.95
N TYR A 325 33.83 -20.07 -4.47
CA TYR A 325 32.87 -20.18 -3.38
C TYR A 325 33.50 -19.77 -2.06
N LEU A 326 32.84 -18.86 -1.34
CA LEU A 326 33.31 -18.45 -0.03
C LEU A 326 32.37 -18.95 1.06
N ILE A 327 32.75 -20.06 1.70
CA ILE A 327 31.95 -20.63 2.77
C ILE A 327 32.25 -19.95 4.09
N CYS A 328 31.23 -19.33 4.68
CA CYS A 328 31.37 -18.74 6.00
C CYS A 328 30.74 -19.63 7.06
N ASN A 329 31.19 -19.46 8.31
CA ASN A 329 30.71 -20.28 9.41
C ASN A 329 29.40 -19.76 10.01
N THR A 330 28.62 -19.07 9.19
CA THR A 330 27.36 -18.49 9.66
C THR A 330 26.33 -19.57 9.95
N THR A 331 26.00 -19.73 11.22
CA THR A 331 25.04 -20.74 11.64
C THR A 331 23.62 -20.39 11.25
N ASN A 332 22.65 -21.16 11.75
CA ASN A 332 21.25 -20.89 11.49
C ASN A 332 20.80 -19.60 12.15
N LEU A 333 21.11 -19.45 13.43
CA LEU A 333 20.73 -18.26 14.20
C LEU A 333 21.25 -16.98 13.56
N GLY A 334 22.42 -17.07 12.93
CA GLY A 334 23.00 -15.94 12.24
C GLY A 334 22.20 -15.53 11.03
N VAL A 335 21.37 -16.45 10.52
CA VAL A 335 20.57 -16.17 9.34
C VAL A 335 19.10 -15.97 9.70
N VAL A 336 18.60 -16.77 10.64
CA VAL A 336 17.19 -16.77 10.99
C VAL A 336 16.71 -15.47 11.63
N ALA A 337 17.48 -14.91 12.55
CA ALA A 337 17.05 -13.73 13.29
C ALA A 337 16.88 -12.49 12.40
N PRO A 338 17.88 -12.16 11.56
CA PRO A 338 17.59 -11.05 10.65
C PRO A 338 16.48 -11.38 9.65
N LEU A 339 16.46 -12.62 9.18
CA LEU A 339 15.43 -13.07 8.24
C LEU A 339 14.05 -12.93 8.86
N GLY A 340 13.96 -13.18 10.17
CA GLY A 340 12.72 -13.01 10.90
C GLY A 340 12.30 -11.56 10.96
N TYR A 341 13.26 -10.68 11.24
CA TYR A 341 12.98 -9.25 11.36
C TYR A 341 12.49 -8.66 10.05
N ASN A 342 13.14 -9.03 8.95
CA ASN A 342 12.73 -8.58 7.63
C ASN A 342 11.31 -9.05 7.32
N GLY A 343 10.99 -10.27 7.75
CA GLY A 343 9.67 -10.84 7.56
C GLY A 343 8.59 -9.94 8.13
N LEU A 344 8.86 -9.35 9.29
CA LEU A 344 7.93 -8.41 9.90
C LEU A 344 7.82 -7.14 9.06
N LEU A 345 8.95 -6.67 8.56
CA LEU A 345 8.97 -5.50 7.68
C LEU A 345 8.10 -5.75 6.46
N ILE A 346 8.23 -6.94 5.89
CA ILE A 346 7.47 -7.35 4.72
C ILE A 346 5.98 -7.50 5.08
N LEU A 347 5.70 -8.07 6.25
CA LEU A 347 4.33 -8.24 6.70
C LEU A 347 3.63 -6.91 6.89
N ALA A 348 4.31 -5.96 7.52
CA ALA A 348 3.75 -4.64 7.74
C ALA A 348 3.47 -3.96 6.41
N CYS A 349 4.42 -4.06 5.49
CA CYS A 349 4.26 -3.50 4.15
C CYS A 349 3.01 -4.06 3.47
N THR A 350 2.98 -5.38 3.31
CA THR A 350 1.88 -6.06 2.65
C THR A 350 0.53 -5.69 3.27
N PHE A 351 0.51 -5.51 4.59
CA PHE A 351 -0.71 -5.13 5.27
C PHE A 351 -1.21 -3.77 4.80
N TYR A 352 -0.34 -2.76 4.87
CA TYR A 352 -0.73 -1.41 4.46
C TYR A 352 -0.86 -1.30 2.94
N ALA A 353 -0.10 -2.10 2.22
CA ALA A 353 -0.15 -2.09 0.75
C ALA A 353 -1.48 -2.62 0.24
N PHE A 354 -1.92 -3.74 0.81
CA PHE A 354 -3.23 -4.30 0.47
C PHE A 354 -4.34 -3.35 0.91
N LYS A 355 -4.08 -2.59 1.97
CA LYS A 355 -5.04 -1.64 2.50
C LYS A 355 -5.22 -0.45 1.55
N THR A 356 -4.18 -0.13 0.80
CA THR A 356 -4.20 1.01 -0.10
C THR A 356 -4.12 0.60 -1.57
N ARG A 357 -4.43 -0.66 -1.85
CA ARG A 357 -4.25 -1.24 -3.18
C ARG A 357 -5.04 -0.52 -4.27
N ASN A 358 -6.15 0.10 -3.90
CA ASN A 358 -7.04 0.72 -4.88
C ASN A 358 -6.83 2.23 -4.99
N VAL A 359 -5.91 2.76 -4.18
CA VAL A 359 -5.59 4.19 -4.22
C VAL A 359 -4.94 4.57 -5.54
N PRO A 360 -5.56 5.52 -6.27
CA PRO A 360 -5.09 5.89 -7.60
C PRO A 360 -4.08 7.05 -7.63
N ALA A 361 -3.70 7.54 -6.46
CA ALA A 361 -2.71 8.61 -6.38
C ALA A 361 -1.40 8.16 -7.03
N ASN A 362 -0.72 9.10 -7.68
CA ASN A 362 0.54 8.83 -8.38
C ASN A 362 0.41 7.79 -9.49
N PHE A 363 -0.59 7.97 -10.36
CA PHE A 363 -0.80 7.11 -11.51
C PHE A 363 -1.04 5.65 -11.11
N ASN A 364 -1.88 5.44 -10.11
CA ASN A 364 -2.15 4.11 -9.56
C ASN A 364 -0.87 3.40 -9.14
N GLU A 365 0.01 4.15 -8.49
CA GLU A 365 1.28 3.64 -7.98
C GLU A 365 1.08 2.50 -6.97
N ALA A 366 0.02 2.62 -6.18
CA ALA A 366 -0.24 1.68 -5.09
C ALA A 366 -0.51 0.25 -5.57
N LYS A 367 -1.07 0.11 -6.76
CA LYS A 367 -1.38 -1.19 -7.32
C LYS A 367 -0.10 -1.99 -7.61
N TYR A 368 0.94 -1.27 -8.02
CA TYR A 368 2.24 -1.88 -8.29
C TYR A 368 2.94 -2.28 -7.00
N ILE A 369 2.75 -1.45 -5.96
CA ILE A 369 3.35 -1.72 -4.66
C ILE A 369 2.71 -2.94 -4.02
N ALA A 370 1.40 -3.08 -4.18
CA ALA A 370 0.66 -4.22 -3.64
C ALA A 370 1.11 -5.51 -4.29
N PHE A 371 1.22 -5.49 -5.62
CA PHE A 371 1.64 -6.66 -6.37
C PHE A 371 3.04 -7.11 -5.96
N THR A 372 3.93 -6.13 -5.81
CA THR A 372 5.31 -6.40 -5.43
C THR A 372 5.38 -7.11 -4.08
N MET A 373 4.63 -6.62 -3.10
CA MET A 373 4.63 -7.23 -1.78
C MET A 373 4.03 -8.62 -1.82
N TYR A 374 3.00 -8.82 -2.64
CA TYR A 374 2.40 -10.14 -2.82
C TYR A 374 3.44 -11.14 -3.28
N THR A 375 4.17 -10.77 -4.33
CA THR A 375 5.21 -11.64 -4.88
C THR A 375 6.35 -11.83 -3.89
N THR A 376 6.71 -10.75 -3.22
CA THR A 376 7.80 -10.80 -2.24
C THR A 376 7.45 -11.74 -1.09
N CYS A 377 6.20 -11.73 -0.67
CA CYS A 377 5.74 -12.62 0.40
C CYS A 377 5.90 -14.08 -0.03
N ILE A 378 5.60 -14.36 -1.30
CA ILE A 378 5.68 -15.71 -1.82
C ILE A 378 7.12 -16.17 -1.95
N ILE A 379 7.99 -15.29 -2.43
CA ILE A 379 9.41 -15.59 -2.59
C ILE A 379 10.05 -15.92 -1.25
N TRP A 380 9.69 -15.16 -0.22
CA TRP A 380 10.31 -15.29 1.09
C TRP A 380 9.78 -16.46 1.90
N LEU A 381 8.52 -16.82 1.69
CA LEU A 381 7.96 -17.99 2.35
C LEU A 381 8.56 -19.26 1.74
N ALA A 382 8.73 -19.24 0.42
CA ALA A 382 9.32 -20.38 -0.28
C ALA A 382 10.80 -20.53 0.03
N PHE A 383 11.42 -19.43 0.48
CA PHE A 383 12.86 -19.41 0.75
C PHE A 383 13.23 -20.30 1.94
N VAL A 384 12.40 -20.30 2.97
CA VAL A 384 12.71 -21.02 4.22
C VAL A 384 12.90 -22.53 4.03
N PRO A 385 11.94 -23.23 3.37
CA PRO A 385 12.20 -24.66 3.24
C PRO A 385 13.27 -24.99 2.19
N ILE A 386 13.40 -24.12 1.19
CA ILE A 386 14.35 -24.35 0.09
C ILE A 386 15.79 -24.14 0.54
N TYR A 387 16.06 -23.02 1.20
CA TYR A 387 17.42 -22.70 1.62
C TYR A 387 17.93 -23.65 2.69
N PHE A 388 17.14 -23.85 3.73
CA PHE A 388 17.56 -24.68 4.86
C PHE A 388 17.50 -26.16 4.56
N GLY A 389 17.02 -26.49 3.37
CA GLY A 389 16.99 -27.88 2.92
C GLY A 389 17.90 -28.09 1.72
N SER A 390 18.70 -27.08 1.40
CA SER A 390 19.56 -27.12 0.23
C SER A 390 21.00 -27.48 0.57
N ASN A 391 21.67 -28.16 -0.35
CA ASN A 391 23.09 -28.44 -0.24
C ASN A 391 23.88 -27.53 -1.17
N TYR A 392 23.19 -26.52 -1.68
CA TYR A 392 23.80 -25.48 -2.51
C TYR A 392 23.31 -24.12 -2.04
N LYS A 393 23.44 -23.90 -0.74
CA LYS A 393 22.87 -22.73 -0.08
C LYS A 393 23.35 -21.39 -0.64
N ILE A 394 24.62 -21.31 -0.99
CA ILE A 394 25.20 -20.05 -1.47
C ILE A 394 24.56 -19.60 -2.78
N ILE A 395 24.39 -20.52 -3.71
CA ILE A 395 23.79 -20.19 -5.00
C ILE A 395 22.30 -19.91 -4.84
N THR A 396 21.62 -20.68 -4.00
CA THR A 396 20.21 -20.42 -3.73
C THR A 396 20.07 -19.05 -3.06
N MET A 397 21.06 -18.69 -2.24
CA MET A 397 21.07 -17.37 -1.63
C MET A 397 21.17 -16.32 -2.73
N CYS A 398 22.21 -16.44 -3.57
CA CYS A 398 22.44 -15.49 -4.66
C CYS A 398 21.20 -15.24 -5.53
N PHE A 399 20.57 -16.33 -5.97
CA PHE A 399 19.40 -16.20 -6.85
C PHE A 399 18.19 -15.65 -6.11
N SER A 400 17.90 -16.19 -4.92
CA SER A 400 16.80 -15.71 -4.11
C SER A 400 16.94 -14.22 -3.83
N VAL A 401 18.15 -13.83 -3.44
CA VAL A 401 18.46 -12.45 -3.14
C VAL A 401 18.24 -11.53 -4.35
N SER A 402 18.78 -11.91 -5.49
CA SER A 402 18.67 -11.10 -6.70
C SER A 402 17.24 -11.08 -7.23
N LEU A 403 16.55 -12.21 -7.15
CA LEU A 403 15.17 -12.28 -7.61
C LEU A 403 14.29 -11.34 -6.81
N SER A 404 14.54 -11.27 -5.50
CA SER A 404 13.78 -10.39 -4.63
C SER A 404 14.06 -8.92 -4.94
N ALA A 405 15.32 -8.61 -5.21
CA ALA A 405 15.71 -7.24 -5.55
C ALA A 405 15.20 -6.86 -6.93
N THR A 406 15.17 -7.83 -7.84
CA THR A 406 14.72 -7.61 -9.21
C THR A 406 13.23 -7.34 -9.27
N VAL A 407 12.45 -8.09 -8.48
CA VAL A 407 11.01 -7.93 -8.45
C VAL A 407 10.63 -6.54 -7.95
N ALA A 408 11.30 -6.08 -6.90
CA ALA A 408 11.05 -4.75 -6.36
C ALA A 408 11.35 -3.68 -7.39
N LEU A 409 12.41 -3.88 -8.15
CA LEU A 409 12.83 -2.91 -9.17
C LEU A 409 11.92 -2.95 -10.39
N GLY A 410 11.53 -4.16 -10.78
CA GLY A 410 10.75 -4.36 -11.99
C GLY A 410 9.30 -3.92 -11.88
N CYS A 411 8.74 -4.04 -10.68
CA CYS A 411 7.32 -3.78 -10.48
C CYS A 411 7.02 -2.36 -10.03
N MET A 412 7.96 -1.74 -9.31
CA MET A 412 7.72 -0.41 -8.74
C MET A 412 8.34 0.72 -9.55
N PHE A 413 9.53 0.49 -10.08
CA PHE A 413 10.29 1.58 -10.68
C PHE A 413 10.28 1.59 -12.21
N VAL A 414 10.33 0.42 -12.81
CA VAL A 414 10.23 0.31 -14.27
C VAL A 414 8.93 0.92 -14.80
N PRO A 415 7.77 0.66 -14.14
CA PRO A 415 6.57 1.35 -14.60
C PRO A 415 6.68 2.88 -14.51
N LYS A 416 7.34 3.38 -13.47
CA LYS A 416 7.54 4.82 -13.34
C LYS A 416 8.52 5.31 -14.41
N VAL A 417 9.55 4.51 -14.67
CA VAL A 417 10.55 4.84 -15.66
C VAL A 417 10.00 4.75 -17.09
N TYR A 418 9.09 3.81 -17.31
CA TYR A 418 8.47 3.68 -18.63
C TYR A 418 7.72 4.95 -19.01
N ILE A 419 6.80 5.35 -18.15
CA ILE A 419 5.97 6.54 -18.35
C ILE A 419 6.80 7.79 -18.62
N ILE A 420 7.91 7.91 -17.90
CA ILE A 420 8.71 9.12 -17.91
C ILE A 420 9.64 9.20 -19.13
N LEU A 421 9.78 8.10 -19.86
CA LEU A 421 10.62 8.07 -21.06
C LEU A 421 9.80 7.86 -22.33
N ALA A 422 8.81 6.98 -22.26
CA ALA A 422 8.03 6.60 -23.43
C ALA A 422 6.76 7.42 -23.59
N LYS A 423 6.25 7.95 -22.49
CA LYS A 423 4.99 8.71 -22.49
C LYS A 423 5.13 10.06 -21.79
N PRO A 424 5.79 11.03 -22.44
CA PRO A 424 6.02 12.33 -21.78
C PRO A 424 4.74 13.13 -21.58
N GLU A 425 3.81 13.06 -22.53
CA GLU A 425 2.60 13.87 -22.48
C GLU A 425 1.64 13.48 -21.36
N ARG A 426 1.56 12.18 -21.06
CA ARG A 426 0.69 11.68 -20.01
C ARG A 426 1.01 12.30 -18.66
N ASN A 427 2.31 12.43 -18.39
CA ASN A 427 2.84 13.07 -17.20
C ASN A 427 2.09 14.35 -16.83
C1 OLA B . 16.32 -24.90 10.25
O1 OLA B . 16.26 -26.13 10.32
O2 OLA B . 17.34 -24.29 10.60
C2 OLA B . 15.16 -24.12 9.72
C3 OLA B . 14.76 -22.99 10.66
C4 OLA B . 13.45 -22.32 10.26
C5 OLA B . 13.57 -20.81 10.31
C6 OLA B . 12.52 -20.16 11.20
C7 OLA B . 11.31 -19.83 10.35
C8 OLA B . 11.50 -18.61 9.47
C9 OLA B . 10.77 -17.47 10.11
C10 OLA B . 10.63 -16.29 9.52
C11 OLA B . 11.51 -15.88 8.38
C12 OLA B . 10.75 -15.92 7.07
C13 OLA B . 9.91 -14.68 6.96
C14 OLA B . 8.73 -14.89 6.05
C15 OLA B . 8.70 -13.73 5.07
C16 OLA B . 7.55 -12.79 5.30
C17 OLA B . 6.22 -13.52 5.38
C18 OLA B . 5.46 -13.34 4.11
C1 OLA C . 35.49 -13.08 -14.56
O1 OLA C . 36.28 -12.29 -15.08
O2 OLA C . 35.88 -14.14 -14.07
C2 OLA C . 34.03 -12.76 -14.51
C3 OLA C . 33.61 -11.92 -15.72
C4 OLA C . 32.10 -11.80 -15.89
C5 OLA C . 31.74 -10.41 -16.36
C6 OLA C . 30.42 -10.34 -17.12
C7 OLA C . 30.19 -8.92 -17.59
C8 OLA C . 29.09 -8.79 -18.61
C9 OLA C . 27.79 -8.69 -17.87
C10 OLA C . 26.84 -7.85 -18.20
C11 OLA C . 27.02 -6.81 -19.27
C12 OLA C . 26.02 -7.03 -20.38
C13 OLA C . 25.27 -5.76 -20.63
C1 OLA D . 32.90 -8.02 16.31
O1 OLA D . 32.67 -7.70 17.47
O2 OLA D . 33.64 -8.97 16.04
C2 OLA D . 32.28 -7.24 15.18
C3 OLA D . 31.74 -5.89 15.65
C4 OLA D . 30.64 -5.33 14.75
C5 OLA D . 31.19 -4.27 13.83
C6 OLA D . 30.40 -4.15 12.54
C7 OLA D . 30.09 -2.69 12.26
C8 OLA D . 29.98 -2.35 10.79
C9 OLA D . 28.58 -1.91 10.56
C10 OLA D . 28.20 -1.18 9.51
C11 OLA D . 29.09 -0.90 8.34
C12 OLA D . 28.40 -1.33 7.05
C1 OLA E . 35.12 -13.04 -7.70
O1 OLA E . 36.07 -12.53 -7.12
O2 OLA E . 35.18 -14.20 -8.12
C2 OLA E . 33.86 -12.25 -7.88
C3 OLA E . 34.06 -11.08 -8.83
C4 OLA E . 34.52 -11.50 -10.22
C5 OLA E . 33.57 -10.96 -11.27
C6 OLA E . 33.37 -9.46 -11.18
C7 OLA E . 33.53 -8.85 -12.54
C8 OLA E . 32.23 -8.34 -13.12
C9 OLA E . 32.58 -7.44 -14.27
C10 OLA E . 31.68 -6.86 -15.03
C11 OLA E . 32.06 -6.04 -16.22
O1 MES F . 29.88 -27.25 -5.00
C2 MES F . 30.33 -25.99 -4.49
C3 MES F . 29.83 -25.74 -3.07
N4 MES F . 28.42 -26.09 -2.90
C5 MES F . 28.13 -27.44 -3.43
C6 MES F . 28.49 -27.48 -4.90
C7 MES F . 28.11 -26.13 -1.46
C8 MES F . 28.22 -24.79 -0.78
S MES F . 26.89 -24.49 0.14
O1S MES F . 25.93 -23.75 -0.63
O2S MES F . 27.33 -23.72 1.27
O3S MES F . 26.23 -25.71 0.56
C2 51D G . 16.26 -12.43 0.12
C3 51D G . 15.72 -13.61 0.62
C4 51D G . 16.20 -14.14 1.79
C5 51D G . 17.23 -13.51 2.48
C6 51D G . 17.78 -12.33 1.98
C7 51D G . 17.30 -11.78 0.80
C8 51D G . 17.91 -10.52 0.30
C9 51D G . 17.14 -9.53 -0.30
C10 51D G . 17.75 -8.36 -0.72
C12 51D G . 19.76 -9.17 0.06
F1 51D G . 15.76 -11.94 -1.03
N11 51D G . 19.07 -8.21 -0.53
N13 51D G . 19.21 -10.29 0.47
N14 51D G . 17.00 -7.35 -1.33
C15 51D G . 17.44 -6.10 -1.63
C16 51D G . 16.41 -5.44 -2.20
C17 51D G . 15.30 -6.29 -2.22
N18 51D G . 15.66 -7.44 -1.70
C19 51D G . 17.71 -14.08 3.70
N20 51D G . 18.10 -14.55 4.66
CL 51D G . 14.44 -14.40 -0.24
#